data_3KWY
#
_entry.id   3KWY
#
_cell.length_a   64.635
_cell.length_b   64.635
_cell.length_c   113.589
_cell.angle_alpha   90.00
_cell.angle_beta   90.00
_cell.angle_gamma   90.00
#
_symmetry.space_group_name_H-M   'P 43 21 2'
#
loop_
_entity.id
_entity.type
_entity.pdbx_description
1 polymer 'Retinoic acid receptor RXR-alpha'
2 polymer 'Nuclear receptor coactivator 2 peptide'
3 non-polymer triphenylstannanyl
4 non-polymer 'ACETATE ION'
5 water water
#
loop_
_entity_poly.entity_id
_entity_poly.type
_entity_poly.pdbx_seq_one_letter_code
_entity_poly.pdbx_strand_id
1 'polypeptide(L)'
;GSHMTSSANEDMPVERILEAELAVEPKTETYVEANMGLNPSSPNDPVTNICQAADKQLFTLVEWAKRIPHFSELPLDDQV
ILLRAGWNELLIASFSHRSIAVKDGILLATGLHVHRNSAHSAGVGAIFDRVLTELVSKMRDMQMDKTELGCLRAIVLFNP
DSKGLSNPAEVEALREKVYASLEAYCKHKYPEQPGRFAKLLLRLPALRSIGLKCLEHLFFFKLIGDTPIDTFLMEMLEAP
HQMT
;
A
2 'polypeptide(L)' KHKILHRLLQDSS B
#
# COMPACT_ATOMS: atom_id res chain seq x y z
N ASP A 11 -6.51 -16.23 -14.20
CA ASP A 11 -6.48 -16.97 -12.90
C ASP A 11 -5.69 -16.19 -11.84
N MET A 12 -6.23 -16.13 -10.63
CA MET A 12 -5.64 -15.28 -9.57
C MET A 12 -5.58 -16.02 -8.23
N PRO A 13 -4.57 -16.91 -8.06
CA PRO A 13 -4.51 -17.71 -6.83
C PRO A 13 -3.94 -16.94 -5.62
N VAL A 14 -4.68 -16.95 -4.52
CA VAL A 14 -4.26 -16.25 -3.29
C VAL A 14 -2.92 -16.76 -2.75
N GLU A 15 -2.54 -17.99 -3.09
CA GLU A 15 -1.26 -18.53 -2.70
C GLU A 15 -0.08 -17.73 -3.27
N ARG A 16 -0.19 -17.33 -4.54
CA ARG A 16 0.85 -16.53 -5.21
C ARG A 16 0.93 -15.11 -4.59
N ILE A 17 -0.22 -14.54 -4.29
CA ILE A 17 -0.33 -13.23 -3.64
C ILE A 17 0.31 -13.24 -2.25
N LEU A 18 0.06 -14.30 -1.48
CA LEU A 18 0.74 -14.51 -0.20
C LEU A 18 2.25 -14.58 -0.40
N GLU A 19 2.69 -15.40 -1.36
CA GLU A 19 4.10 -15.52 -1.73
C GLU A 19 4.74 -14.16 -2.01
N ALA A 20 4.01 -13.31 -2.74
CA ALA A 20 4.48 -11.96 -3.02
C ALA A 20 4.76 -11.18 -1.74
N GLU A 21 3.84 -11.25 -0.76
CA GLU A 21 4.00 -10.55 0.52
C GLU A 21 5.20 -11.06 1.31
N LEU A 22 5.31 -12.39 1.39
CA LEU A 22 6.38 -13.04 2.15
C LEU A 22 7.77 -12.79 1.55
N ALA A 23 7.82 -12.61 0.24
CA ALA A 23 9.06 -12.36 -0.48
C ALA A 23 9.66 -11.00 -0.15
N VAL A 24 8.82 -10.05 0.24
CA VAL A 24 9.28 -8.67 0.44
C VAL A 24 9.48 -8.29 1.91
N GLU A 25 8.97 -9.11 2.83
CA GLU A 25 9.23 -8.90 4.28
C GLU A 25 10.67 -8.51 4.61
N PRO A 26 10.85 -7.50 5.50
CA PRO A 26 12.18 -6.99 5.86
C PRO A 26 12.70 -7.61 7.16
N ASP A 45 14.43 13.80 13.19
CA ASP A 45 13.01 14.05 13.42
C ASP A 45 12.15 13.08 12.60
N PRO A 46 10.95 12.71 13.11
CA PRO A 46 10.18 11.56 12.57
C PRO A 46 9.78 11.66 11.09
N VAL A 47 9.56 12.86 10.59
CA VAL A 47 9.24 13.06 9.17
C VAL A 47 10.40 12.68 8.23
N THR A 48 11.62 13.02 8.62
CA THR A 48 12.79 12.59 7.88
C THR A 48 12.83 11.04 7.81
N ASN A 49 12.65 10.39 8.97
CA ASN A 49 12.70 8.94 9.09
C ASN A 49 11.64 8.23 8.27
N ILE A 50 10.41 8.75 8.33
CA ILE A 50 9.30 8.26 7.52
C ILE A 50 9.64 8.33 6.03
N CYS A 51 10.25 9.44 5.61
CA CYS A 51 10.60 9.67 4.20
C CYS A 51 11.69 8.74 3.68
N GLN A 52 12.76 8.57 4.46
CA GLN A 52 13.85 7.64 4.10
C GLN A 52 13.31 6.23 3.93
N ALA A 53 12.52 5.78 4.90
CA ALA A 53 11.88 4.48 4.84
C ALA A 53 10.97 4.36 3.61
N ALA A 54 10.22 5.40 3.29
CA ALA A 54 9.33 5.35 2.12
C ALA A 54 10.13 5.19 0.80
N ASP A 55 11.19 5.98 0.63
CA ASP A 55 12.07 5.85 -0.55
C ASP A 55 12.57 4.41 -0.74
N LYS A 56 13.12 3.86 0.34
CA LYS A 56 13.61 2.47 0.36
C LYS A 56 12.51 1.46 0.00
N GLN A 57 11.28 1.71 0.45
CA GLN A 57 10.18 0.79 0.22
C GLN A 57 9.61 0.86 -1.19
N LEU A 58 9.83 1.98 -1.87
CA LEU A 58 9.48 2.10 -3.29
C LEU A 58 10.19 1.07 -4.19
N PHE A 59 11.47 0.78 -3.90
CA PHE A 59 12.22 -0.25 -4.65
C PHE A 59 11.62 -1.64 -4.43
N THR A 60 11.33 -1.94 -3.17
CA THR A 60 10.66 -3.16 -2.76
C THR A 60 9.25 -3.26 -3.40
N LEU A 61 8.53 -2.13 -3.48
CA LEU A 61 7.18 -2.12 -4.11
C LEU A 61 7.18 -2.65 -5.53
N VAL A 62 8.17 -2.24 -6.31
CA VAL A 62 8.36 -2.70 -7.69
C VAL A 62 8.55 -4.22 -7.72
N GLU A 63 9.39 -4.72 -6.82
CA GLU A 63 9.64 -6.17 -6.74
C GLU A 63 8.38 -6.95 -6.35
N TRP A 64 7.61 -6.42 -5.41
CA TRP A 64 6.31 -6.98 -5.04
C TRP A 64 5.31 -7.03 -6.22
N ALA A 65 5.12 -5.90 -6.91
CA ALA A 65 4.20 -5.80 -8.06
C ALA A 65 4.46 -6.82 -9.16
N LYS A 66 5.73 -7.14 -9.39
CA LYS A 66 6.14 -8.09 -10.43
C LYS A 66 5.80 -9.54 -10.08
N ARG A 67 5.57 -9.79 -8.79
CA ARG A 67 5.16 -11.10 -8.30
C ARG A 67 3.65 -11.31 -8.26
N ILE A 68 2.88 -10.23 -8.48
CA ILE A 68 1.42 -10.33 -8.51
C ILE A 68 1.02 -10.82 -9.90
N PRO A 69 0.26 -11.95 -9.96
CA PRO A 69 -0.02 -12.59 -11.24
C PRO A 69 -0.59 -11.63 -12.28
N HIS A 70 -0.09 -11.76 -13.50
CA HIS A 70 -0.52 -11.00 -14.69
C HIS A 70 -0.08 -9.54 -14.79
N PHE A 71 0.54 -8.99 -13.75
CA PHE A 71 0.94 -7.58 -13.76
C PHE A 71 2.07 -7.28 -14.77
N SER A 72 3.09 -8.12 -14.78
CA SER A 72 4.20 -8.02 -15.73
C SER A 72 3.83 -8.27 -17.19
N GLU A 73 2.65 -8.84 -17.44
CA GLU A 73 2.17 -9.04 -18.81
C GLU A 73 1.46 -7.80 -19.37
N LEU A 74 1.05 -6.89 -18.49
CA LEU A 74 0.48 -5.60 -18.91
C LEU A 74 1.51 -4.78 -19.68
N PRO A 75 1.05 -3.93 -20.63
CA PRO A 75 1.99 -3.04 -21.33
C PRO A 75 2.77 -2.17 -20.34
N LEU A 76 4.07 -2.00 -20.61
CA LEU A 76 4.96 -1.25 -19.72
C LEU A 76 4.40 0.10 -19.28
N ASP A 77 3.73 0.80 -20.20
CA ASP A 77 3.18 2.10 -19.91
C ASP A 77 2.07 2.03 -18.86
N ASP A 78 1.30 0.94 -18.91
CA ASP A 78 0.22 0.72 -17.94
C ASP A 78 0.73 0.37 -16.54
N GLN A 79 1.75 -0.48 -16.49
CA GLN A 79 2.44 -0.85 -15.24
C GLN A 79 2.91 0.43 -14.53
N VAL A 80 3.50 1.33 -15.31
CA VAL A 80 3.92 2.65 -14.81
C VAL A 80 2.75 3.46 -14.22
N ILE A 81 1.67 3.55 -14.98
CA ILE A 81 0.47 4.28 -14.56
C ILE A 81 -0.10 3.74 -13.24
N LEU A 82 -0.22 2.42 -13.15
CA LEU A 82 -0.76 1.77 -11.97
C LEU A 82 0.07 1.98 -10.72
N LEU A 83 1.40 1.95 -10.86
CA LEU A 83 2.28 2.13 -9.71
C LEU A 83 2.34 3.59 -9.24
N ARG A 84 2.38 4.53 -10.18
CA ARG A 84 2.31 5.96 -9.87
C ARG A 84 0.97 6.38 -9.23
N ALA A 85 -0.13 5.71 -9.59
CA ALA A 85 -1.43 5.99 -8.99
C ALA A 85 -1.60 5.35 -7.60
N GLY A 86 -1.00 4.18 -7.40
CA GLY A 86 -1.29 3.40 -6.19
C GLY A 86 -0.25 3.38 -5.10
N TRP A 87 0.96 3.87 -5.37
CA TRP A 87 2.13 3.67 -4.48
C TRP A 87 1.92 4.09 -3.02
N ASN A 88 1.31 5.26 -2.79
CA ASN A 88 1.17 5.76 -1.42
C ASN A 88 0.21 4.95 -0.56
N GLU A 89 -0.89 4.51 -1.15
CA GLU A 89 -1.85 3.61 -0.46
C GLU A 89 -1.27 2.22 -0.20
N LEU A 90 -0.49 1.72 -1.16
CA LEU A 90 0.18 0.43 -1.03
C LEU A 90 1.18 0.43 0.13
N LEU A 91 1.93 1.52 0.26
CA LEU A 91 2.90 1.70 1.36
C LEU A 91 2.23 1.86 2.72
N ILE A 92 1.16 2.65 2.77
CA ILE A 92 0.40 2.82 4.00
C ILE A 92 -0.19 1.48 4.49
N ALA A 93 -0.76 0.70 3.57
CA ALA A 93 -1.31 -0.61 3.92
C ALA A 93 -0.26 -1.51 4.59
N SER A 94 0.96 -1.52 4.04
CA SER A 94 2.07 -2.33 4.58
C SER A 94 2.55 -1.90 5.95
N PHE A 95 2.80 -0.60 6.16
CA PHE A 95 3.31 -0.23 7.48
C PHE A 95 2.28 -0.31 8.58
N SER A 96 0.99 -0.15 8.23
CA SER A 96 -0.12 -0.33 9.18
C SER A 96 -0.24 -1.78 9.66
N HIS A 97 -0.23 -2.73 8.74
CA HIS A 97 -0.32 -4.14 9.08
C HIS A 97 0.93 -4.65 9.80
N ARG A 98 2.11 -4.16 9.43
CA ARG A 98 3.35 -4.44 10.13
C ARG A 98 3.29 -4.01 11.61
N SER A 99 2.46 -3.00 11.92
CA SER A 99 2.43 -2.35 13.23
C SER A 99 1.36 -2.86 14.21
N ILE A 100 0.67 -3.93 13.86
CA ILE A 100 -0.48 -4.40 14.66
C ILE A 100 -0.20 -4.91 16.09
N ALA A 101 1.01 -5.41 16.35
CA ALA A 101 1.38 -5.80 17.71
C ALA A 101 2.04 -4.65 18.46
N VAL A 102 2.00 -3.45 17.87
CA VAL A 102 2.65 -2.27 18.43
C VAL A 102 1.61 -1.39 19.14
N LYS A 103 1.92 -0.98 20.37
CA LYS A 103 1.03 -0.09 21.11
C LYS A 103 1.28 1.37 20.74
N ASP A 104 0.24 2.02 20.22
CA ASP A 104 0.24 3.46 19.93
C ASP A 104 1.43 3.94 19.07
N GLY A 105 1.84 3.13 18.11
CA GLY A 105 3.00 3.46 17.29
C GLY A 105 3.06 2.73 15.98
N ILE A 106 4.10 3.03 15.20
CA ILE A 106 4.29 2.41 13.88
C ILE A 106 5.68 1.82 13.71
N LEU A 107 5.72 0.58 13.21
CA LEU A 107 6.99 -0.06 12.86
C LEU A 107 7.40 0.22 11.40
N LEU A 108 8.47 0.99 11.23
CA LEU A 108 9.03 1.30 9.92
C LEU A 108 9.90 0.16 9.40
N ALA A 109 10.03 0.07 8.08
CA ALA A 109 10.80 -1.01 7.45
C ALA A 109 12.29 -0.93 7.79
N THR A 110 12.73 0.22 8.26
CA THR A 110 14.10 0.46 8.67
C THR A 110 14.45 -0.14 10.04
N GLY A 111 13.43 -0.68 10.72
CA GLY A 111 13.60 -1.23 12.07
C GLY A 111 13.24 -0.26 13.20
N LEU A 112 13.02 1.01 12.86
CA LEU A 112 12.66 2.05 13.84
C LEU A 112 11.15 2.13 14.15
N HIS A 113 10.83 2.14 15.45
CA HIS A 113 9.44 2.40 15.90
C HIS A 113 9.25 3.88 16.12
N VAL A 114 8.18 4.42 15.53
CA VAL A 114 7.75 5.81 15.79
C VAL A 114 6.45 5.80 16.62
N HIS A 115 6.51 6.38 17.82
CA HIS A 115 5.36 6.41 18.73
C HIS A 115 4.50 7.68 18.54
N ARG A 116 3.20 7.56 18.87
CA ARG A 116 2.23 8.69 18.99
C ARG A 116 2.82 10.04 19.38
N ASN A 117 3.40 10.07 20.58
CA ASN A 117 3.88 11.28 21.21
C ASN A 117 4.97 11.94 20.36
N SER A 118 5.80 11.12 19.75
CA SER A 118 6.81 11.61 18.83
C SER A 118 6.19 12.28 17.59
N ALA A 119 5.15 11.68 17.02
CA ALA A 119 4.46 12.26 15.86
C ALA A 119 3.71 13.53 16.26
N HIS A 120 3.04 13.49 17.41
CA HIS A 120 2.41 14.69 17.95
C HIS A 120 3.37 15.86 18.09
N SER A 121 4.57 15.64 18.65
CA SER A 121 5.47 16.77 18.84
C SER A 121 6.26 17.22 17.60
N ALA A 122 6.09 16.52 16.48
CA ALA A 122 6.64 16.95 15.19
C ALA A 122 5.60 17.70 14.35
N GLY A 123 4.39 17.86 14.91
CA GLY A 123 3.30 18.55 14.23
C GLY A 123 2.47 17.69 13.27
N VAL A 124 2.72 16.37 13.27
CA VAL A 124 1.95 15.42 12.44
C VAL A 124 1.07 14.40 13.23
N GLY A 125 0.64 14.78 14.44
CA GLY A 125 -0.15 13.90 15.30
C GLY A 125 -1.53 13.51 14.75
N ALA A 126 -2.19 14.44 14.08
CA ALA A 126 -3.52 14.21 13.51
C ALA A 126 -3.54 13.03 12.50
N ILE A 127 -2.75 13.15 11.44
CA ILE A 127 -2.65 12.09 10.44
C ILE A 127 -2.17 10.73 11.01
N PHE A 128 -1.20 10.79 11.94
CA PHE A 128 -0.68 9.60 12.63
C PHE A 128 -1.78 8.85 13.38
N ASP A 129 -2.59 9.60 14.12
CA ASP A 129 -3.70 9.06 14.88
C ASP A 129 -4.75 8.40 13.98
N ARG A 130 -5.01 8.99 12.80
CA ARG A 130 -5.96 8.41 11.82
C ARG A 130 -5.48 7.03 11.38
N VAL A 131 -4.22 6.93 10.99
CA VAL A 131 -3.64 5.62 10.68
C VAL A 131 -3.83 4.63 11.84
N LEU A 132 -3.52 5.06 13.06
CA LEU A 132 -3.65 4.20 14.22
C LEU A 132 -5.07 3.72 14.50
N THR A 133 -6.05 4.62 14.43
CA THR A 133 -7.42 4.26 14.83
C THR A 133 -8.21 3.66 13.68
N GLU A 134 -8.00 4.15 12.45
CA GLU A 134 -8.78 3.66 11.30
C GLU A 134 -8.21 2.43 10.61
N LEU A 135 -6.90 2.21 10.76
CA LEU A 135 -6.25 1.11 10.07
C LEU A 135 -5.63 0.12 11.04
N VAL A 136 -4.63 0.56 11.80
CA VAL A 136 -3.89 -0.34 12.69
C VAL A 136 -4.81 -1.05 13.67
N SER A 137 -5.54 -0.28 14.47
CA SER A 137 -6.42 -0.88 15.49
C SER A 137 -7.49 -1.79 14.90
N LYS A 138 -7.98 -1.47 13.71
CA LYS A 138 -9.02 -2.32 13.08
C LYS A 138 -8.43 -3.59 12.45
N MET A 139 -7.24 -3.49 11.87
CA MET A 139 -6.47 -4.67 11.48
C MET A 139 -6.18 -5.59 12.69
N ARG A 140 -5.87 -4.99 13.85
CA ARG A 140 -5.57 -5.78 15.05
C ARG A 140 -6.83 -6.48 15.54
N ASP A 141 -7.89 -5.70 15.74
CA ASP A 141 -9.14 -6.23 16.30
C ASP A 141 -9.71 -7.44 15.53
N MET A 142 -9.68 -7.39 14.19
CA MET A 142 -10.14 -8.52 13.34
C MET A 142 -9.09 -9.60 13.04
N GLN A 143 -7.84 -9.35 13.43
CA GLN A 143 -6.71 -10.21 13.06
C GLN A 143 -6.64 -10.41 11.54
N MET A 144 -6.60 -9.31 10.79
CA MET A 144 -6.36 -9.36 9.35
C MET A 144 -5.05 -10.12 9.13
N ASP A 145 -5.07 -11.12 8.27
CA ASP A 145 -3.88 -11.91 8.00
C ASP A 145 -3.18 -11.49 6.70
N LYS A 146 -2.01 -12.05 6.44
CA LYS A 146 -1.16 -11.59 5.35
C LYS A 146 -1.72 -11.88 3.94
N THR A 147 -2.52 -12.93 3.80
CA THR A 147 -3.18 -13.20 2.52
C THR A 147 -4.23 -12.15 2.23
N GLU A 148 -5.00 -11.81 3.27
CA GLU A 148 -6.01 -10.76 3.21
C GLU A 148 -5.42 -9.38 2.86
N LEU A 149 -4.34 -9.00 3.55
CA LEU A 149 -3.55 -7.82 3.22
C LEU A 149 -3.09 -7.80 1.77
N GLY A 150 -2.50 -8.91 1.30
CA GLY A 150 -1.95 -8.98 -0.04
C GLY A 150 -3.00 -8.77 -1.11
N CYS A 151 -4.16 -9.39 -0.90
CA CYS A 151 -5.32 -9.24 -1.78
C CYS A 151 -5.84 -7.80 -1.84
N LEU A 152 -5.95 -7.16 -0.67
CA LEU A 152 -6.39 -5.74 -0.62
C LEU A 152 -5.43 -4.85 -1.40
N ARG A 153 -4.13 -5.12 -1.25
CA ARG A 153 -3.09 -4.37 -1.98
C ARG A 153 -3.12 -4.64 -3.49
N ALA A 154 -3.38 -5.89 -3.88
CA ALA A 154 -3.51 -6.25 -5.29
C ALA A 154 -4.73 -5.58 -5.92
N ILE A 155 -5.86 -5.57 -5.19
CA ILE A 155 -7.04 -4.76 -5.55
C ILE A 155 -6.71 -3.27 -5.74
N VAL A 156 -5.92 -2.70 -4.83
CA VAL A 156 -5.46 -1.30 -4.96
C VAL A 156 -4.52 -1.12 -6.16
N LEU A 157 -3.64 -2.11 -6.37
CA LEU A 157 -2.75 -2.07 -7.54
C LEU A 157 -3.55 -2.00 -8.86
N PHE A 158 -4.45 -2.96 -9.06
CA PHE A 158 -5.29 -3.03 -10.26
C PHE A 158 -6.46 -2.04 -10.19
N ASN A 159 -6.14 -0.76 -10.25
CA ASN A 159 -7.16 0.28 -10.16
C ASN A 159 -7.54 0.74 -11.55
N PRO A 160 -8.74 0.30 -12.02
CA PRO A 160 -9.18 0.58 -13.38
C PRO A 160 -9.55 2.05 -13.62
N ASP A 161 -9.62 2.84 -12.56
CA ASP A 161 -9.93 4.27 -12.72
C ASP A 161 -8.69 5.13 -12.99
N SER A 162 -7.52 4.50 -13.05
CA SER A 162 -6.26 5.21 -13.28
C SER A 162 -6.26 5.85 -14.65
N LYS A 163 -5.91 7.13 -14.70
CA LYS A 163 -5.97 7.92 -15.92
C LYS A 163 -4.90 7.46 -16.91
N GLY A 164 -5.25 7.41 -18.19
CA GLY A 164 -4.29 7.15 -19.26
C GLY A 164 -4.16 5.71 -19.71
N LEU A 165 -4.79 4.79 -18.99
CA LEU A 165 -4.64 3.34 -19.23
C LEU A 165 -5.05 2.99 -20.66
N SER A 166 -4.23 2.18 -21.34
CA SER A 166 -4.52 1.82 -22.73
C SER A 166 -5.71 0.87 -22.80
N ASN A 167 -5.84 -0.02 -21.82
CA ASN A 167 -7.06 -0.84 -21.70
C ASN A 167 -7.52 -0.99 -20.25
N PRO A 168 -8.44 -0.11 -19.82
CA PRO A 168 -9.03 -0.14 -18.47
C PRO A 168 -9.82 -1.43 -18.18
N ALA A 169 -10.38 -2.05 -19.22
CA ALA A 169 -11.20 -3.25 -19.05
C ALA A 169 -10.36 -4.47 -18.64
N GLU A 170 -9.11 -4.51 -19.12
CA GLU A 170 -8.13 -5.55 -18.75
C GLU A 170 -7.75 -5.44 -17.26
N VAL A 171 -7.65 -4.20 -16.77
CA VAL A 171 -7.29 -3.96 -15.37
C VAL A 171 -8.47 -4.27 -14.46
N GLU A 172 -9.67 -3.91 -14.90
CA GLU A 172 -10.88 -4.19 -14.17
C GLU A 172 -11.07 -5.70 -13.97
N ALA A 173 -10.91 -6.47 -15.06
CA ALA A 173 -10.96 -7.94 -15.04
C ALA A 173 -9.94 -8.58 -14.07
N LEU A 174 -8.74 -8.00 -13.97
CA LEU A 174 -7.77 -8.49 -12.98
C LEU A 174 -8.17 -8.15 -11.54
N ARG A 175 -8.69 -6.93 -11.33
CA ARG A 175 -9.34 -6.56 -10.05
C ARG A 175 -10.46 -7.55 -9.66
N GLU A 176 -11.40 -7.81 -10.57
CA GLU A 176 -12.50 -8.77 -10.30
C GLU A 176 -11.99 -10.15 -9.84
N LYS A 177 -10.95 -10.66 -10.49
CA LYS A 177 -10.33 -11.95 -10.13
C LYS A 177 -9.69 -11.97 -8.72
N VAL A 178 -9.00 -10.89 -8.34
CA VAL A 178 -8.47 -10.78 -6.96
C VAL A 178 -9.59 -10.85 -5.90
N TYR A 179 -10.65 -10.08 -6.10
CA TYR A 179 -11.67 -10.05 -5.06
C TYR A 179 -12.60 -11.27 -5.02
N ALA A 180 -12.72 -11.96 -6.15
CA ALA A 180 -13.39 -13.28 -6.20
C ALA A 180 -12.57 -14.32 -5.42
N SER A 181 -11.26 -14.38 -5.70
CA SER A 181 -10.34 -15.20 -4.91
C SER A 181 -10.32 -14.83 -3.42
N LEU A 182 -10.30 -13.54 -3.10
CA LEU A 182 -10.40 -13.10 -1.68
C LEU A 182 -11.68 -13.56 -0.99
N GLU A 183 -12.83 -13.36 -1.63
CA GLU A 183 -14.10 -13.77 -1.02
C GLU A 183 -14.14 -15.26 -0.72
N ALA A 184 -13.59 -16.08 -1.63
CA ALA A 184 -13.57 -17.53 -1.43
C ALA A 184 -12.58 -17.93 -0.33
N TYR A 185 -11.49 -17.19 -0.18
CA TYR A 185 -10.54 -17.47 0.90
C TYR A 185 -11.10 -17.14 2.29
N CYS A 186 -11.88 -16.05 2.40
CA CYS A 186 -12.47 -15.67 3.68
C CYS A 186 -13.56 -16.66 4.11
N LYS A 187 -14.40 -17.07 3.17
CA LYS A 187 -15.49 -18.00 3.45
C LYS A 187 -15.01 -19.39 3.86
N HIS A 188 -13.79 -19.71 3.46
CA HIS A 188 -13.16 -20.99 3.77
C HIS A 188 -12.35 -20.95 5.08
N LYS A 189 -11.54 -19.90 5.26
CA LYS A 189 -10.69 -19.80 6.45
C LYS A 189 -11.48 -19.33 7.68
N TYR A 190 -12.43 -18.43 7.46
CA TYR A 190 -13.21 -17.87 8.54
C TYR A 190 -14.71 -18.04 8.27
N PRO A 191 -15.20 -19.31 8.25
CA PRO A 191 -16.60 -19.56 7.90
C PRO A 191 -17.59 -19.01 8.93
N GLU A 192 -17.14 -18.83 10.16
CA GLU A 192 -17.99 -18.28 11.24
C GLU A 192 -18.15 -16.75 11.23
N GLN A 193 -17.44 -16.06 10.33
CA GLN A 193 -17.52 -14.61 10.18
C GLN A 193 -18.01 -14.25 8.78
N PRO A 194 -19.34 -14.31 8.54
CA PRO A 194 -19.89 -14.03 7.20
C PRO A 194 -19.67 -12.60 6.68
N GLY A 195 -19.53 -11.61 7.57
CA GLY A 195 -19.31 -10.20 7.19
C GLY A 195 -17.87 -9.78 6.88
N ARG A 196 -16.93 -10.72 6.99
CA ARG A 196 -15.49 -10.41 7.00
C ARG A 196 -14.99 -9.81 5.67
N PHE A 197 -15.46 -10.38 4.57
CA PHE A 197 -15.11 -9.94 3.22
C PHE A 197 -15.46 -8.47 3.00
N ALA A 198 -16.71 -8.10 3.29
CA ALA A 198 -17.16 -6.71 3.23
C ALA A 198 -16.36 -5.85 4.20
N LYS A 199 -16.10 -6.36 5.41
CA LYS A 199 -15.34 -5.61 6.43
C LYS A 199 -13.97 -5.21 5.87
N LEU A 200 -13.34 -6.13 5.13
CA LEU A 200 -12.04 -5.88 4.51
C LEU A 200 -12.13 -4.78 3.44
N LEU A 201 -13.06 -4.92 2.52
CA LEU A 201 -13.23 -3.93 1.45
C LEU A 201 -13.55 -2.54 2.00
N LEU A 202 -14.28 -2.51 3.11
CA LEU A 202 -14.68 -1.26 3.74
C LEU A 202 -13.59 -0.50 4.54
N ARG A 203 -12.36 -1.02 4.55
CA ARG A 203 -11.21 -0.21 4.99
C ARG A 203 -10.61 0.59 3.85
N LEU A 204 -11.01 0.29 2.62
CA LEU A 204 -10.42 0.94 1.44
C LEU A 204 -10.77 2.42 1.29
N PRO A 205 -11.99 2.83 1.69
CA PRO A 205 -12.24 4.28 1.65
C PRO A 205 -11.38 5.06 2.65
N ALA A 206 -11.21 4.51 3.86
CA ALA A 206 -10.32 5.11 4.84
C ALA A 206 -8.89 5.19 4.28
N LEU A 207 -8.42 4.08 3.69
CA LEU A 207 -7.10 4.05 3.10
C LEU A 207 -6.93 5.14 2.04
N ARG A 208 -7.95 5.32 1.20
CA ARG A 208 -7.91 6.34 0.15
C ARG A 208 -7.79 7.76 0.74
N SER A 209 -8.57 8.07 1.78
CA SER A 209 -8.55 9.42 2.37
C SER A 209 -7.24 9.72 3.11
N ILE A 210 -6.74 8.74 3.87
CA ILE A 210 -5.44 8.84 4.51
C ILE A 210 -4.27 8.98 3.48
N GLY A 211 -4.36 8.23 2.36
CA GLY A 211 -3.38 8.36 1.27
C GLY A 211 -3.31 9.76 0.66
N LEU A 212 -4.48 10.37 0.45
CA LEU A 212 -4.59 11.73 -0.05
C LEU A 212 -4.00 12.78 0.92
N LYS A 213 -4.31 12.66 2.21
CA LYS A 213 -3.78 13.56 3.25
C LYS A 213 -2.26 13.46 3.38
N CYS A 214 -1.73 12.24 3.33
CA CYS A 214 -0.29 12.00 3.31
C CYS A 214 0.41 12.69 2.16
N LEU A 215 -0.17 12.61 0.95
CA LEU A 215 0.35 13.32 -0.23
C LEU A 215 0.45 14.83 -0.07
N GLU A 216 -0.56 15.45 0.53
CA GLU A 216 -0.57 16.87 0.85
C GLU A 216 0.61 17.25 1.76
N HIS A 217 0.84 16.42 2.78
CA HIS A 217 1.95 16.61 3.71
C HIS A 217 3.29 16.49 3.00
N LEU A 218 3.43 15.48 2.14
CA LEU A 218 4.69 15.27 1.41
C LEU A 218 5.03 16.43 0.47
N PHE A 219 4.01 17.02 -0.16
CA PHE A 219 4.22 18.18 -1.02
C PHE A 219 4.67 19.41 -0.21
N PHE A 220 4.14 19.53 1.00
CA PHE A 220 4.57 20.58 1.93
C PHE A 220 6.01 20.36 2.43
N PHE A 221 6.38 19.12 2.73
CA PHE A 221 7.74 18.82 3.18
C PHE A 221 8.74 19.09 2.07
N LYS A 222 8.33 18.81 0.84
CA LYS A 222 9.10 19.12 -0.37
C LYS A 222 9.29 20.64 -0.48
N LEU A 223 8.26 21.38 -0.11
CA LEU A 223 8.26 22.84 -0.19
C LEU A 223 9.13 23.49 0.89
N ILE A 224 8.94 23.06 2.14
CA ILE A 224 9.76 23.54 3.25
C ILE A 224 10.95 22.61 3.37
N GLY A 225 11.87 22.75 2.41
CA GLY A 225 12.94 21.76 2.17
C GLY A 225 14.08 21.74 3.17
N ASP A 226 13.74 21.47 4.42
CA ASP A 226 14.73 21.32 5.49
C ASP A 226 15.00 19.84 5.75
N ILE A 229 14.38 14.81 0.84
CA ILE A 229 13.62 13.82 0.07
C ILE A 229 14.50 13.17 -0.99
N ASP A 230 14.62 11.86 -0.90
CA ASP A 230 15.43 11.05 -1.80
C ASP A 230 14.77 10.86 -3.17
N THR A 231 15.55 10.39 -4.15
CA THR A 231 15.21 10.49 -5.57
C THR A 231 14.00 9.71 -6.10
N PHE A 232 13.74 8.52 -5.56
CA PHE A 232 12.59 7.72 -6.03
C PHE A 232 11.28 8.32 -5.48
N LEU A 233 11.25 8.63 -4.18
CA LEU A 233 10.11 9.34 -3.58
C LEU A 233 9.84 10.65 -4.34
N MET A 234 10.91 11.39 -4.63
CA MET A 234 10.86 12.64 -5.41
C MET A 234 10.23 12.44 -6.80
N GLU A 235 10.64 11.40 -7.52
CA GLU A 235 10.06 11.06 -8.82
C GLU A 235 8.55 10.78 -8.75
N MET A 236 8.15 10.09 -7.68
CA MET A 236 6.75 9.77 -7.42
C MET A 236 5.93 11.06 -7.20
N LEU A 237 6.55 12.08 -6.61
CA LEU A 237 5.92 13.40 -6.43
C LEU A 237 6.02 14.37 -7.63
N GLU A 238 6.68 13.95 -8.70
CA GLU A 238 6.78 14.76 -9.92
C GLU A 238 5.45 14.79 -10.65
N ALA A 239 5.26 15.81 -11.48
CA ALA A 239 4.10 15.87 -12.38
C ALA A 239 4.24 14.81 -13.49
N PRO A 240 3.09 14.26 -13.96
CA PRO A 240 3.08 13.16 -14.94
C PRO A 240 3.57 13.59 -16.32
N HIS B 2 9.81 9.59 -16.03
CA HIS B 2 9.90 8.78 -14.77
C HIS B 2 10.94 7.64 -14.88
N LYS B 3 12.22 8.03 -14.97
CA LYS B 3 13.32 7.10 -15.31
C LYS B 3 13.57 5.94 -14.34
N ILE B 4 13.56 6.22 -13.04
CA ILE B 4 13.83 5.21 -12.02
C ILE B 4 12.80 4.07 -12.08
N LEU B 5 11.50 4.39 -12.09
CA LEU B 5 10.44 3.38 -12.17
C LEU B 5 10.52 2.55 -13.46
N HIS B 6 10.77 3.24 -14.57
CA HIS B 6 10.94 2.61 -15.88
C HIS B 6 12.08 1.60 -15.91
N ARG B 7 13.28 2.04 -15.50
CA ARG B 7 14.48 1.21 -15.47
C ARG B 7 14.28 -0.04 -14.60
N LEU B 8 13.58 0.12 -13.48
CA LEU B 8 13.30 -1.00 -12.57
C LEU B 8 12.25 -1.97 -13.11
N LEU B 9 11.29 -1.46 -13.87
CA LEU B 9 10.26 -2.31 -14.46
C LEU B 9 10.78 -3.11 -15.66
N GLN B 10 11.72 -2.51 -16.41
CA GLN B 10 12.37 -3.17 -17.55
C GLN B 10 13.23 -4.36 -17.12
N ASP B 11 14.11 -4.14 -16.12
CA ASP B 11 14.93 -5.17 -15.44
C ASP B 11 16.26 -4.64 -14.86
#